data_8IY0
#
_entry.id   8IY0
#
_cell.length_a   103.904
_cell.length_b   103.904
_cell.length_c   101.864
_cell.angle_alpha   90.00
_cell.angle_beta   90.00
_cell.angle_gamma   120.00
#
_symmetry.space_group_name_H-M   'P 3 2 1'
#
loop_
_entity.id
_entity.type
_entity.pdbx_description
1 polymer p26
2 non-polymer '[(2R,3S,4R,5R)-5-(6-aminopurin-9-yl)-4-hydroxy-2-(hydroxymethyl)oxolan-3-yl] dihydrogen phosphate'
3 water water
#
_entity_poly.entity_id   1
_entity_poly.type   'polypeptide(L)'
_entity_poly.pdbx_seq_one_letter_code
;DNQHKKIKGYRDLSQEEIDMMNRVKELGSQFEKLIQDVSDHLRGQYNASLHNRDEITRIANAEPGRWLAIGKTDIQTGMM
AIIRAIAQPDSF
;
_entity_poly.pdbx_strand_id   A,B,C,D,E,F
#
# COMPACT_ATOMS: atom_id res chain seq x y z
N ASP A 1 -26.41 4.66 72.04
CA ASP A 1 -26.20 6.08 72.03
C ASP A 1 -27.43 6.78 71.57
N ASN A 2 -28.30 6.09 70.82
CA ASN A 2 -29.46 6.73 70.24
C ASN A 2 -28.98 7.94 69.50
N GLN A 3 -27.95 7.75 68.68
CA GLN A 3 -27.32 8.85 67.97
C GLN A 3 -28.23 9.63 67.06
N HIS A 4 -29.18 8.96 66.48
CA HIS A 4 -30.10 9.60 65.62
C HIS A 4 -30.96 10.62 66.29
N LYS A 5 -31.29 10.41 67.57
CA LYS A 5 -32.04 11.40 68.33
C LYS A 5 -31.22 12.63 68.56
N LYS A 6 -29.90 12.56 68.32
CA LYS A 6 -29.11 13.78 68.36
C LYS A 6 -29.06 14.55 67.05
N ILE A 7 -29.66 14.01 65.99
CA ILE A 7 -29.68 14.70 64.70
C ILE A 7 -31.01 15.38 64.47
N LYS A 8 -30.96 16.62 64.04
CA LYS A 8 -32.17 17.37 63.75
C LYS A 8 -32.98 16.74 62.64
N GLY A 9 -34.28 16.72 62.84
CA GLY A 9 -35.14 16.09 61.88
C GLY A 9 -35.60 14.73 62.31
N TYR A 10 -35.00 14.19 63.38
CA TYR A 10 -35.36 12.82 63.78
C TYR A 10 -36.88 12.66 63.92
N ARG A 11 -37.39 11.51 63.50
CA ARG A 11 -38.81 11.16 63.68
C ARG A 11 -38.80 9.69 64.03
N ASP A 12 -39.65 9.25 64.94
CA ASP A 12 -39.75 7.83 65.19
C ASP A 12 -40.42 7.10 64.05
N LEU A 13 -39.92 5.92 63.75
CA LEU A 13 -40.42 5.15 62.64
C LEU A 13 -41.09 3.84 62.96
N SER A 14 -42.12 3.51 62.21
CA SER A 14 -42.76 2.23 62.35
C SER A 14 -42.00 1.15 61.63
N GLN A 15 -42.32 -0.11 61.93
CA GLN A 15 -41.69 -1.22 61.25
C GLN A 15 -42.01 -1.24 59.78
N GLU A 16 -43.23 -0.85 59.42
CA GLU A 16 -43.58 -0.76 58.03
C GLU A 16 -42.71 0.25 57.28
N GLU A 17 -42.44 1.36 57.90
CA GLU A 17 -41.57 2.35 57.30
C GLU A 17 -40.16 1.83 57.13
N ILE A 18 -39.65 1.13 58.13
CA ILE A 18 -38.32 0.52 58.03
C ILE A 18 -38.26 -0.54 56.94
N ASP A 19 -39.30 -1.34 56.83
CA ASP A 19 -39.34 -2.36 55.80
C ASP A 19 -39.33 -1.75 54.42
N MET A 20 -40.09 -0.68 54.23
CA MET A 20 -40.12 0.01 52.96
C MET A 20 -38.76 0.62 52.60
N MET A 21 -38.08 1.21 53.56
CA MET A 21 -36.75 1.75 53.34
C MET A 21 -35.76 0.64 52.99
N ASN A 22 -35.84 -0.47 53.68
CA ASN A 22 -35.01 -1.62 53.37
C ASN A 22 -35.29 -2.20 51.99
N ARG A 23 -36.54 -2.18 51.56
CA ARG A 23 -36.88 -2.63 50.21
C ARG A 23 -36.24 -1.75 49.13
N VAL A 24 -36.22 -0.44 49.32
CA VAL A 24 -35.60 0.45 48.36
C VAL A 24 -34.13 0.16 48.30
N LYS A 25 -33.54 -0.06 49.46
CA LYS A 25 -32.16 -0.42 49.51
C LYS A 25 -31.83 -1.76 48.85
N GLU A 26 -32.69 -2.75 49.03
CA GLU A 26 -32.45 -4.03 48.40
C GLU A 26 -32.62 -3.94 46.90
N LEU A 27 -33.60 -3.19 46.43
CA LEU A 27 -33.73 -2.98 44.98
C LEU A 27 -32.52 -2.24 44.43
N GLY A 28 -32.01 -1.29 45.23
CA GLY A 28 -30.78 -0.62 44.84
C GLY A 28 -29.61 -1.57 44.71
N SER A 29 -29.49 -2.53 45.63
CA SER A 29 -28.37 -3.47 45.45
C SER A 29 -28.51 -4.25 44.15
N GLN A 30 -29.73 -4.56 43.72
CA GLN A 30 -29.87 -5.17 42.39
C GLN A 30 -29.38 -4.24 41.27
N PHE A 31 -29.67 -2.93 41.39
CA PHE A 31 -29.16 -2.01 40.38
C PHE A 31 -27.64 -1.91 40.43
N GLU A 32 -27.07 -1.97 41.62
CA GLU A 32 -25.62 -1.92 41.75
C GLU A 32 -24.97 -3.12 41.07
N LYS A 33 -25.56 -4.30 41.25
CA LYS A 33 -25.09 -5.48 40.54
C LYS A 33 -25.22 -5.28 39.04
N LEU A 34 -26.35 -4.76 38.57
CA LEU A 34 -26.50 -4.52 37.14
C LEU A 34 -25.44 -3.53 36.62
N ILE A 35 -25.17 -2.48 37.38
CA ILE A 35 -24.21 -1.49 36.92
C ILE A 35 -22.81 -2.09 36.85
N GLN A 36 -22.45 -2.93 37.82
CA GLN A 36 -21.16 -3.60 37.77
C GLN A 36 -21.08 -4.52 36.55
N ASP A 37 -22.20 -5.17 36.22
CA ASP A 37 -22.24 -6.01 35.03
C ASP A 37 -22.04 -5.20 33.76
N VAL A 38 -22.68 -4.03 33.66
CA VAL A 38 -22.52 -3.21 32.46
C VAL A 38 -21.08 -2.73 32.37
N SER A 39 -20.49 -2.37 33.52
CA SER A 39 -19.12 -1.87 33.53
C SER A 39 -18.14 -2.94 33.03
N ASP A 40 -18.34 -4.18 33.41
CA ASP A 40 -17.52 -5.26 32.91
C ASP A 40 -17.70 -5.49 31.42
N HIS A 41 -18.90 -5.30 30.91
CA HIS A 41 -19.13 -5.41 29.50
C HIS A 41 -18.35 -4.37 28.76
N LEU A 42 -18.35 -3.14 29.26
CA LEU A 42 -17.59 -2.07 28.66
C LEU A 42 -16.08 -2.31 28.66
N ARG A 43 -15.57 -2.86 29.75
CA ARG A 43 -14.16 -3.18 29.83
C ARG A 43 -13.78 -4.21 28.79
N GLY A 44 -14.61 -5.21 28.60
CA GLY A 44 -14.38 -6.17 27.55
C GLY A 44 -14.46 -5.62 26.17
N GLN A 45 -15.43 -4.73 25.94
CA GLN A 45 -15.62 -4.13 24.65
C GLN A 45 -14.42 -3.33 24.26
N TYR A 46 -13.89 -2.58 25.21
CA TYR A 46 -12.69 -1.84 24.95
C TYR A 46 -11.48 -2.72 24.67
N ASN A 47 -11.32 -3.80 25.42
CA ASN A 47 -10.20 -4.70 25.26
C ASN A 47 -10.21 -5.40 23.93
N ALA A 48 -11.37 -5.84 23.51
CA ALA A 48 -11.51 -6.49 22.22
C ALA A 48 -11.23 -5.55 21.11
N SER A 49 -11.56 -4.31 21.30
CA SER A 49 -11.42 -3.34 20.27
C SER A 49 -10.10 -2.62 20.21
N LEU A 50 -9.18 -2.99 21.06
CA LEU A 50 -7.87 -2.38 21.02
C LEU A 50 -7.26 -2.66 19.67
N HIS A 51 -6.52 -1.69 19.14
CA HIS A 51 -5.92 -1.80 17.81
C HIS A 51 -6.90 -1.56 16.68
N ASN A 52 -8.21 -1.57 16.94
CA ASN A 52 -9.16 -1.18 15.93
C ASN A 52 -9.42 0.25 16.24
N ARG A 53 -8.72 1.13 15.57
CA ARG A 53 -8.82 2.54 15.85
C ARG A 53 -10.20 3.14 15.60
N ASP A 54 -10.84 2.72 14.54
CA ASP A 54 -12.16 3.20 14.27
C ASP A 54 -13.16 2.82 15.36
N GLU A 55 -13.06 1.60 15.86
CA GLU A 55 -13.94 1.23 16.95
C GLU A 55 -13.51 1.86 18.27
N ILE A 56 -12.21 2.04 18.52
CA ILE A 56 -11.82 2.77 19.72
C ILE A 56 -12.35 4.20 19.67
N THR A 57 -12.29 4.83 18.49
CA THR A 57 -12.83 6.18 18.35
C THR A 57 -14.35 6.18 18.54
N ARG A 58 -15.05 5.16 18.02
CA ARG A 58 -16.50 5.07 18.24
C ARG A 58 -16.82 4.98 19.74
N ILE A 59 -16.09 4.14 20.48
CA ILE A 59 -16.35 4.02 21.91
C ILE A 59 -16.09 5.36 22.62
N ALA A 60 -14.95 6.01 22.31
CA ALA A 60 -14.63 7.31 22.91
C ALA A 60 -15.69 8.36 22.58
N ASN A 61 -16.26 8.31 21.40
CA ASN A 61 -17.28 9.29 21.04
C ASN A 61 -18.61 8.97 21.71
N ALA A 62 -18.86 7.69 22.02
CA ALA A 62 -20.11 7.35 22.67
C ALA A 62 -20.08 7.63 24.17
N GLU A 63 -18.88 7.72 24.75
CA GLU A 63 -18.67 7.98 26.17
C GLU A 63 -19.53 7.06 27.07
N PRO A 64 -19.47 5.74 26.87
CA PRO A 64 -20.36 4.91 27.69
C PRO A 64 -20.00 4.89 29.17
N GLY A 65 -18.72 4.98 29.55
CA GLY A 65 -18.38 5.01 30.98
C GLY A 65 -18.94 6.24 31.70
N ARG A 66 -18.91 7.39 31.03
CA ARG A 66 -19.56 8.59 31.54
C ARG A 66 -21.07 8.38 31.67
N TRP A 67 -21.71 7.79 30.65
CA TRP A 67 -23.17 7.66 30.75
C TRP A 67 -23.58 6.69 31.87
N LEU A 68 -22.83 5.60 32.02
CA LEU A 68 -23.06 4.68 33.12
C LEU A 68 -22.91 5.35 34.48
N ALA A 69 -21.89 6.22 34.62
CA ALA A 69 -21.70 6.97 35.86
C ALA A 69 -22.87 7.92 36.14
N ILE A 70 -23.38 8.59 35.11
CA ILE A 70 -24.57 9.45 35.29
C ILE A 70 -25.76 8.60 35.77
N GLY A 71 -25.93 7.43 35.17
CA GLY A 71 -27.04 6.58 35.57
C GLY A 71 -26.92 6.12 37.01
N LYS A 72 -25.71 5.74 37.41
CA LYS A 72 -25.50 5.36 38.81
C LYS A 72 -25.86 6.50 39.76
N THR A 73 -25.40 7.72 39.46
CA THR A 73 -25.71 8.85 40.34
C THR A 73 -27.20 9.09 40.43
N ASP A 74 -27.92 9.02 39.28
CA ASP A 74 -29.38 9.21 39.29
C ASP A 74 -30.10 8.10 40.06
N ILE A 75 -29.69 6.84 39.87
CA ILE A 75 -30.33 5.77 40.64
C ILE A 75 -30.16 6.02 42.14
N GLN A 76 -28.95 6.39 42.56
CA GLN A 76 -28.68 6.54 43.99
C GLN A 76 -29.43 7.75 44.60
N THR A 77 -29.43 8.89 43.92
CA THR A 77 -30.17 10.03 44.46
C THR A 77 -31.66 9.77 44.39
N GLY A 78 -32.13 9.00 43.40
CA GLY A 78 -33.54 8.61 43.39
C GLY A 78 -33.92 7.78 44.60
N MET A 79 -33.06 6.81 44.95
CA MET A 79 -33.28 6.02 46.15
C MET A 79 -33.35 6.92 47.36
N MET A 80 -32.41 7.87 47.45
CA MET A 80 -32.42 8.79 48.59
C MET A 80 -33.71 9.57 48.66
N ALA A 81 -34.28 9.98 47.52
CA ALA A 81 -35.52 10.76 47.58
C ALA A 81 -36.71 9.89 47.98
N ILE A 82 -36.77 8.65 47.47
CA ILE A 82 -37.87 7.77 47.88
C ILE A 82 -37.79 7.48 49.37
N ILE A 83 -36.58 7.28 49.88
CA ILE A 83 -36.42 7.03 51.30
C ILE A 83 -36.82 8.25 52.11
N ARG A 84 -36.49 9.45 51.63
CA ARG A 84 -36.96 10.61 52.38
C ARG A 84 -38.51 10.72 52.36
N ALA A 85 -39.12 10.34 51.25
CA ALA A 85 -40.58 10.30 51.19
C ALA A 85 -41.15 9.35 52.23
N ILE A 86 -40.45 8.25 52.51
CA ILE A 86 -40.90 7.32 53.55
C ILE A 86 -40.58 7.86 54.96
N ALA A 87 -39.34 8.29 55.18
CA ALA A 87 -38.85 8.61 56.52
C ALA A 87 -39.39 9.95 57.00
N GLN A 88 -39.60 10.88 56.08
CA GLN A 88 -40.21 12.17 56.35
C GLN A 88 -39.52 12.93 57.49
N PRO A 89 -38.24 13.30 57.31
CA PRO A 89 -37.58 14.09 58.36
C PRO A 89 -38.26 15.44 58.49
N ASP A 90 -38.29 15.91 59.73
CA ASP A 90 -38.94 17.14 60.11
C ASP A 90 -38.03 18.35 59.89
N SER A 91 -37.20 18.34 58.85
CA SER A 91 -36.28 19.45 58.58
C SER A 91 -36.21 19.73 57.09
N PHE A 92 -35.82 20.95 56.77
CA PHE A 92 -35.62 21.42 55.42
C PHE A 92 -34.49 20.60 54.76
N ASP B 1 16.44 24.47 2.79
CA ASP B 1 16.53 23.47 3.85
C ASP B 1 17.95 23.18 4.29
N ASN B 2 18.26 21.93 4.61
CA ASN B 2 19.59 21.59 5.14
C ASN B 2 20.03 22.56 6.22
N GLN B 3 19.22 22.66 7.25
CA GLN B 3 19.57 23.49 8.40
C GLN B 3 19.98 22.48 9.42
N HIS B 4 20.28 21.28 8.98
CA HIS B 4 20.80 20.28 9.86
C HIS B 4 22.20 20.71 10.21
N LYS B 5 22.88 21.39 9.28
CA LYS B 5 24.17 21.95 9.59
C LYS B 5 24.00 23.12 10.51
N LYS B 6 22.78 23.61 10.68
CA LYS B 6 22.60 24.67 11.67
C LYS B 6 22.74 24.12 13.09
N ILE B 7 22.28 22.90 13.32
CA ILE B 7 22.47 22.29 14.63
C ILE B 7 23.94 22.02 14.96
N LYS B 8 24.36 22.36 16.17
CA LYS B 8 25.75 22.16 16.56
C LYS B 8 26.14 20.71 16.65
N GLY B 9 27.35 20.42 16.21
CA GLY B 9 27.84 19.05 16.22
C GLY B 9 27.47 18.21 15.04
N TYR B 10 26.71 18.76 14.11
CA TYR B 10 26.35 18.04 12.92
C TYR B 10 27.57 17.55 12.24
N ARG B 11 27.54 16.30 11.86
CA ARG B 11 28.64 15.72 11.13
C ARG B 11 28.02 15.19 9.88
N ASP B 12 28.72 15.29 8.77
CA ASP B 12 28.23 14.70 7.54
C ASP B 12 28.42 13.21 7.71
N LEU B 13 27.43 12.43 7.35
CA LEU B 13 27.50 11.00 7.60
C LEU B 13 27.55 10.07 6.40
N SER B 14 28.24 8.95 6.55
CA SER B 14 28.34 7.95 5.50
C SER B 14 27.09 7.13 5.36
N GLN B 15 26.90 6.51 4.23
CA GLN B 15 25.79 5.62 4.04
C GLN B 15 25.91 4.48 5.00
N GLU B 16 27.10 3.98 5.21
CA GLU B 16 27.23 2.82 6.05
C GLU B 16 26.76 3.14 7.47
N GLU B 17 27.09 4.31 7.95
CA GLU B 17 26.63 4.72 9.25
C GLU B 17 25.13 4.85 9.30
N ILE B 18 24.54 5.40 8.24
CA ILE B 18 23.10 5.56 8.17
C ILE B 18 22.48 4.19 8.20
N ASP B 19 23.12 3.22 7.57
CA ASP B 19 22.63 1.87 7.63
C ASP B 19 22.68 1.29 9.03
N MET B 20 23.74 1.55 9.77
CA MET B 20 23.84 1.08 11.12
C MET B 20 22.77 1.67 12.03
N MET B 21 22.46 2.94 11.86
CA MET B 21 21.43 3.60 12.64
C MET B 21 20.06 3.05 12.32
N ASN B 22 19.80 2.79 11.05
CA ASN B 22 18.55 2.22 10.64
C ASN B 22 18.34 0.83 11.19
N ARG B 23 19.39 0.05 11.31
CA ARG B 23 19.29 -1.26 11.93
C ARG B 23 18.87 -1.15 13.38
N VAL B 24 19.41 -0.18 14.10
CA VAL B 24 19.05 0.03 15.48
C VAL B 24 17.58 0.39 15.53
N LYS B 25 17.15 1.24 14.61
CA LYS B 25 15.76 1.61 14.58
C LYS B 25 14.81 0.48 14.25
N GLU B 26 15.17 -0.38 13.32
CA GLU B 26 14.35 -1.54 12.99
C GLU B 26 14.22 -2.50 14.15
N LEU B 27 15.30 -2.75 14.86
CA LEU B 27 15.24 -3.58 16.03
C LEU B 27 14.39 -2.95 17.08
N GLY B 28 14.47 -1.64 17.20
CA GLY B 28 13.65 -0.93 18.14
C GLY B 28 12.19 -1.09 17.84
N SER B 29 11.83 -1.10 16.57
CA SER B 29 10.43 -1.32 16.19
C SER B 29 9.97 -2.69 16.61
N GLN B 30 10.84 -3.68 16.53
CA GLN B 30 10.51 -5.01 17.01
C GLN B 30 10.26 -5.00 18.51
N PHE B 31 11.06 -4.29 19.27
CA PHE B 31 10.83 -4.13 20.71
C PHE B 31 9.53 -3.39 20.96
N GLU B 32 9.23 -2.42 20.14
CA GLU B 32 7.98 -1.70 20.30
C GLU B 32 6.79 -2.63 20.16
N LYS B 33 6.82 -3.53 19.20
CA LYS B 33 5.76 -4.46 19.05
C LYS B 33 5.79 -5.44 20.20
N LEU B 34 6.96 -5.85 20.62
CA LEU B 34 6.98 -6.71 21.80
C LEU B 34 6.36 -6.02 23.02
N ILE B 35 6.67 -4.75 23.24
CA ILE B 35 6.11 -4.04 24.39
C ILE B 35 4.60 -3.89 24.22
N GLN B 36 4.12 -3.61 23.02
CA GLN B 36 2.68 -3.50 22.78
C GLN B 36 1.99 -4.80 23.16
N ASP B 37 2.58 -5.92 22.80
CA ASP B 37 2.00 -7.20 23.12
C ASP B 37 1.99 -7.52 24.60
N VAL B 38 2.95 -7.02 25.35
CA VAL B 38 2.98 -7.25 26.77
C VAL B 38 1.91 -6.43 27.43
N SER B 39 1.73 -5.22 26.94
CA SER B 39 0.70 -4.37 27.48
C SER B 39 -0.65 -5.02 27.27
N ASP B 40 -0.87 -5.62 26.11
CA ASP B 40 -2.12 -6.28 25.83
C ASP B 40 -2.32 -7.41 26.81
N HIS B 41 -1.26 -8.17 27.07
CA HIS B 41 -1.35 -9.27 28.00
C HIS B 41 -1.69 -8.79 29.36
N LEU B 42 -1.10 -7.70 29.76
CA LEU B 42 -1.39 -7.15 31.05
C LEU B 42 -2.84 -6.70 31.19
N ARG B 43 -3.38 -6.08 30.15
CA ARG B 43 -4.76 -5.65 30.18
C ARG B 43 -5.69 -6.83 30.30
N GLY B 44 -5.39 -7.89 29.58
CA GLY B 44 -6.18 -9.08 29.69
C GLY B 44 -6.13 -9.72 31.03
N GLN B 45 -4.95 -9.73 31.62
CA GLN B 45 -4.78 -10.30 32.93
C GLN B 45 -5.54 -9.56 33.97
N TYR B 46 -5.51 -8.24 33.93
CA TYR B 46 -6.29 -7.46 34.87
C TYR B 46 -7.79 -7.61 34.72
N ASN B 47 -8.28 -7.58 33.49
CA ASN B 47 -9.70 -7.68 33.26
C ASN B 47 -10.23 -9.03 33.68
N ALA B 48 -9.49 -10.08 33.38
CA ALA B 48 -9.90 -11.40 33.79
C ALA B 48 -9.56 -11.72 35.20
N SER B 49 -9.15 -10.75 35.98
CA SER B 49 -8.91 -10.98 37.37
C SER B 49 -9.79 -10.12 38.24
N LEU B 50 -10.63 -9.32 37.62
CA LEU B 50 -11.54 -8.47 38.38
C LEU B 50 -12.47 -9.30 39.23
N HIS B 51 -12.82 -8.79 40.40
CA HIS B 51 -13.70 -9.50 41.34
C HIS B 51 -12.98 -10.58 42.09
N ASN B 52 -11.73 -10.88 41.72
CA ASN B 52 -10.89 -11.80 42.48
C ASN B 52 -9.93 -10.88 43.16
N ARG B 53 -10.27 -10.45 44.36
CA ARG B 53 -9.46 -9.48 45.05
C ARG B 53 -8.04 -9.97 45.31
N ASP B 54 -7.90 -11.24 45.67
CA ASP B 54 -6.58 -11.80 45.88
C ASP B 54 -5.67 -11.63 44.67
N GLU B 55 -6.21 -11.80 43.49
CA GLU B 55 -5.36 -11.68 42.32
C GLU B 55 -5.14 -10.24 41.89
N ILE B 56 -6.15 -9.37 42.03
CA ILE B 56 -5.95 -7.95 41.78
C ILE B 56 -4.92 -7.38 42.76
N THR B 57 -4.95 -7.84 44.01
CA THR B 57 -3.93 -7.42 44.95
C THR B 57 -2.55 -7.90 44.52
N ARG B 58 -2.47 -9.12 43.99
CA ARG B 58 -1.17 -9.61 43.50
C ARG B 58 -0.66 -8.75 42.35
N ILE B 59 -1.52 -8.44 41.38
CA ILE B 59 -1.07 -7.61 40.26
C ILE B 59 -0.64 -6.24 40.74
N ALA B 60 -1.46 -5.61 41.60
CA ALA B 60 -1.10 -4.30 42.12
C ALA B 60 0.22 -4.34 42.88
N ASN B 61 0.49 -5.44 43.60
CA ASN B 61 1.76 -5.46 44.32
C ASN B 61 2.92 -5.71 43.38
N ALA B 62 2.69 -6.39 42.25
CA ALA B 62 3.76 -6.63 41.30
C ALA B 62 4.08 -5.40 40.43
N GLU B 63 3.13 -4.47 40.29
CA GLU B 63 3.29 -3.26 39.48
C GLU B 63 3.84 -3.50 38.07
N PRO B 64 3.24 -4.44 37.31
CA PRO B 64 3.81 -4.76 36.00
C PRO B 64 3.66 -3.64 34.97
N GLY B 65 2.61 -2.82 35.05
CA GLY B 65 2.49 -1.71 34.12
C GLY B 65 3.64 -0.73 34.28
N ARG B 66 4.03 -0.48 35.53
CA ARG B 66 5.18 0.36 35.82
C ARG B 66 6.48 -0.24 35.30
N TRP B 67 6.68 -1.56 35.52
CA TRP B 67 7.94 -2.19 35.09
C TRP B 67 8.07 -2.19 33.57
N LEU B 68 6.98 -2.46 32.85
CA LEU B 68 7.03 -2.37 31.40
C LEU B 68 7.37 -0.96 30.93
N ALA B 69 6.82 0.07 31.60
CA ALA B 69 7.18 1.44 31.21
C ALA B 69 8.66 1.73 31.44
N ILE B 70 9.19 1.26 32.58
CA ILE B 70 10.63 1.40 32.84
C ILE B 70 11.43 0.73 31.73
N GLY B 71 11.02 -0.47 31.33
CA GLY B 71 11.72 -1.18 30.28
C GLY B 71 11.71 -0.43 28.96
N LYS B 72 10.55 0.12 28.60
CA LYS B 72 10.45 0.90 27.36
C LYS B 72 11.42 2.07 27.38
N THR B 73 11.46 2.79 28.51
CA THR B 73 12.35 3.92 28.60
C THR B 73 13.81 3.52 28.46
N ASP B 74 14.21 2.43 29.12
CA ASP B 74 15.61 1.99 28.99
C ASP B 74 15.93 1.58 27.57
N ILE B 75 15.02 0.85 26.91
CA ILE B 75 15.28 0.44 25.53
C ILE B 75 15.46 1.68 24.65
N GLN B 76 14.60 2.68 24.84
CA GLN B 76 14.68 3.87 23.99
C GLN B 76 15.96 4.66 24.23
N THR B 77 16.34 4.90 25.49
CA THR B 77 17.58 5.65 25.70
C THR B 77 18.79 4.84 25.27
N GLY B 78 18.73 3.51 25.40
CA GLY B 78 19.80 2.69 24.86
C GLY B 78 19.95 2.84 23.36
N MET B 79 18.83 2.83 22.64
CA MET B 79 18.84 3.09 21.21
C MET B 79 19.47 4.43 20.89
N MET B 80 19.09 5.46 21.66
CA MET B 80 19.69 6.77 21.43
C MET B 80 21.20 6.74 21.64
N ALA B 81 21.69 6.00 22.65
CA ALA B 81 23.12 5.97 22.91
C ALA B 81 23.86 5.21 21.82
N ILE B 82 23.32 4.08 21.36
CA ILE B 82 23.97 3.33 20.28
C ILE B 82 24.01 4.17 19.02
N ILE B 83 22.92 4.86 18.71
CA ILE B 83 22.92 5.75 17.55
C ILE B 83 23.93 6.88 17.72
N ARG B 84 24.08 7.40 18.94
CA ARG B 84 25.11 8.42 19.12
C ARG B 84 26.52 7.83 18.95
N ALA B 85 26.71 6.56 19.32
CA ALA B 85 28.01 5.93 19.09
C ALA B 85 28.32 5.90 17.61
N ILE B 86 27.31 5.65 16.79
CA ILE B 86 27.52 5.63 15.35
C ILE B 86 27.68 7.03 14.79
N ALA B 87 26.78 7.94 15.17
CA ALA B 87 26.74 9.27 14.58
C ALA B 87 27.86 10.16 15.08
N GLN B 88 28.29 9.97 16.32
CA GLN B 88 29.43 10.71 16.83
C GLN B 88 29.22 12.21 16.62
N PRO B 89 28.24 12.84 17.27
CA PRO B 89 28.13 14.29 17.19
C PRO B 89 29.34 14.96 17.83
N ASP B 90 29.71 16.12 17.29
CA ASP B 90 30.84 16.94 17.71
C ASP B 90 30.47 17.89 18.84
N SER B 91 29.66 17.43 19.79
CA SER B 91 29.19 18.28 20.88
C SER B 91 29.28 17.51 22.18
N PHE B 92 29.29 18.25 23.27
CA PHE B 92 29.32 17.68 24.62
C PHE B 92 28.11 16.79 24.98
N ASN C 2 -16.46 14.88 10.60
CA ASN C 2 -17.18 15.08 9.37
C ASN C 2 -16.54 16.16 8.53
N GLN C 3 -15.30 15.95 8.12
CA GLN C 3 -14.64 16.91 7.26
C GLN C 3 -15.38 16.91 5.95
N HIS C 4 -16.21 15.92 5.73
CA HIS C 4 -17.01 15.89 4.56
C HIS C 4 -17.99 17.02 4.53
N LYS C 5 -18.26 17.65 5.67
CA LYS C 5 -19.12 18.83 5.71
C LYS C 5 -18.50 19.95 4.90
N LYS C 6 -17.19 19.95 4.76
CA LYS C 6 -16.54 20.94 3.92
C LYS C 6 -16.93 20.80 2.46
N ILE C 7 -17.14 19.57 2.00
CA ILE C 7 -17.52 19.36 0.62
C ILE C 7 -18.89 19.86 0.26
N LYS C 8 -18.98 20.61 -0.82
CA LYS C 8 -20.24 21.15 -1.27
C LYS C 8 -21.23 20.04 -1.63
N GLY C 9 -22.46 20.19 -1.19
CA GLY C 9 -23.46 19.17 -1.44
C GLY C 9 -23.55 18.06 -0.42
N TYR C 10 -22.71 18.10 0.60
CA TYR C 10 -22.72 17.09 1.64
C TYR C 10 -24.04 17.08 2.35
N ARG C 11 -24.52 15.90 2.69
CA ARG C 11 -25.74 15.79 3.41
C ARG C 11 -25.54 14.74 4.42
N ASP C 12 -26.13 14.91 5.60
CA ASP C 12 -26.11 13.87 6.60
C ASP C 12 -26.97 12.69 6.15
N LEU C 13 -26.48 11.48 6.28
CA LEU C 13 -27.15 10.30 5.81
C LEU C 13 -27.63 9.43 6.94
N SER C 14 -28.77 8.79 6.75
CA SER C 14 -29.24 7.89 7.79
C SER C 14 -28.60 6.52 7.61
N GLN C 15 -28.86 5.62 8.57
CA GLN C 15 -28.25 4.30 8.51
C GLN C 15 -28.86 3.51 7.37
N GLU C 16 -30.16 3.69 7.14
CA GLU C 16 -30.84 3.11 5.98
C GLU C 16 -30.10 3.45 4.68
N GLU C 17 -29.83 4.73 4.48
CA GLU C 17 -29.15 5.15 3.27
C GLU C 17 -27.75 4.54 3.19
N ILE C 18 -27.03 4.54 4.30
CA ILE C 18 -25.68 3.98 4.32
C ILE C 18 -25.70 2.49 4.00
N ASP C 19 -26.70 1.78 4.49
CA ASP C 19 -26.79 0.36 4.22
C ASP C 19 -27.03 0.09 2.74
N MET C 20 -27.91 0.87 2.11
CA MET C 20 -28.10 0.69 0.67
C MET C 20 -26.81 0.98 -0.12
N MET C 21 -26.07 2.03 0.27
CA MET C 21 -24.80 2.30 -0.39
C MET C 21 -23.84 1.12 -0.21
N ASN C 22 -23.74 0.60 1.01
CA ASN C 22 -22.83 -0.52 1.26
C ASN C 22 -23.25 -1.77 0.50
N ARG C 23 -24.55 -1.96 0.27
CA ARG C 23 -25.02 -3.04 -0.59
C ARG C 23 -24.52 -2.89 -2.03
N VAL C 24 -24.58 -1.66 -2.57
CA VAL C 24 -24.03 -1.43 -3.90
C VAL C 24 -22.56 -1.83 -3.93
N LYS C 25 -21.79 -1.38 -2.92
CA LYS C 25 -20.35 -1.69 -2.90
C LYS C 25 -20.10 -3.19 -2.72
N GLU C 26 -20.96 -3.87 -1.97
CA GLU C 26 -21.02 -5.32 -1.81
C GLU C 26 -21.07 -6.08 -3.14
N LEU C 27 -22.16 -5.83 -3.87
CA LEU C 27 -22.36 -6.45 -5.18
C LEU C 27 -21.23 -6.09 -6.12
N GLY C 28 -20.73 -4.85 -6.03
CA GLY C 28 -19.60 -4.48 -6.86
C GLY C 28 -18.35 -5.30 -6.60
N SER C 29 -18.05 -5.59 -5.33
CA SER C 29 -16.90 -6.43 -5.03
C SER C 29 -17.08 -7.83 -5.61
N GLN C 30 -18.32 -8.34 -5.61
CA GLN C 30 -18.53 -9.61 -6.33
C GLN C 30 -18.23 -9.47 -7.81
N PHE C 31 -18.62 -8.35 -8.43
CA PHE C 31 -18.33 -8.15 -9.85
C PHE C 31 -16.84 -8.04 -10.10
N GLU C 32 -16.08 -7.50 -9.17
CA GLU C 32 -14.65 -7.44 -9.31
C GLU C 32 -14.04 -8.82 -9.39
N LYS C 33 -14.50 -9.73 -8.55
CA LYS C 33 -13.99 -11.09 -8.54
C LYS C 33 -14.28 -11.78 -9.85
N LEU C 34 -15.47 -11.59 -10.37
CA LEU C 34 -15.81 -12.16 -11.66
C LEU C 34 -14.95 -11.62 -12.80
N ILE C 35 -14.67 -10.32 -12.80
CA ILE C 35 -13.84 -9.75 -13.83
C ILE C 35 -12.43 -10.32 -13.77
N GLN C 36 -11.90 -10.51 -12.58
CA GLN C 36 -10.60 -11.10 -12.45
C GLN C 36 -10.62 -12.51 -12.96
N ASP C 37 -11.71 -13.21 -12.76
CA ASP C 37 -11.83 -14.56 -13.25
C ASP C 37 -11.87 -14.61 -14.78
N VAL C 38 -12.53 -13.66 -15.41
CA VAL C 38 -12.53 -13.57 -16.87
C VAL C 38 -11.14 -13.25 -17.38
N SER C 39 -10.46 -12.34 -16.72
CA SER C 39 -9.12 -11.95 -17.11
C SER C 39 -8.18 -13.12 -17.02
N ASP C 40 -8.31 -13.92 -15.97
CA ASP C 40 -7.51 -15.11 -15.84
C ASP C 40 -7.82 -16.09 -16.96
N HIS C 41 -9.08 -16.24 -17.32
CA HIS C 41 -9.44 -17.09 -18.45
C HIS C 41 -8.86 -16.61 -19.73
N LEU C 42 -8.89 -15.31 -19.97
CA LEU C 42 -8.33 -14.75 -21.16
C LEU C 42 -6.82 -14.93 -21.26
N ARG C 43 -6.13 -14.78 -20.16
CA ARG C 43 -4.70 -14.98 -20.14
C ARG C 43 -4.37 -16.41 -20.47
N GLY C 44 -5.13 -17.34 -19.94
CA GLY C 44 -4.96 -18.73 -20.26
C GLY C 44 -5.21 -19.06 -21.69
N GLN C 45 -6.26 -18.48 -22.25
CA GLN C 45 -6.63 -18.76 -23.61
C GLN C 45 -5.54 -18.30 -24.56
N TYR C 46 -5.03 -17.11 -24.33
CA TYR C 46 -3.96 -16.60 -25.14
C TYR C 46 -2.72 -17.44 -25.03
N ASN C 47 -2.36 -17.82 -23.81
CA ASN C 47 -1.13 -18.57 -23.63
C ASN C 47 -1.15 -19.94 -24.25
N ALA C 48 -2.28 -20.61 -24.13
CA ALA C 48 -2.44 -21.92 -24.71
C ALA C 48 -2.39 -21.86 -26.21
N SER C 49 -2.90 -20.79 -26.77
CA SER C 49 -2.99 -20.70 -28.18
C SER C 49 -1.76 -20.09 -28.80
N LEU C 50 -0.75 -19.80 -28.01
CA LEU C 50 0.48 -19.31 -28.59
C LEU C 50 1.02 -20.31 -29.62
N HIS C 51 1.62 -19.81 -30.68
CA HIS C 51 2.13 -20.66 -31.74
C HIS C 51 1.04 -21.25 -32.58
N ASN C 52 -0.23 -20.86 -32.37
CA ASN C 52 -1.31 -21.27 -33.27
C ASN C 52 -1.73 -19.91 -33.76
N ARG C 53 -1.20 -19.48 -34.89
CA ARG C 53 -1.44 -18.14 -35.37
C ARG C 53 -2.90 -17.82 -35.63
N ASP C 54 -3.64 -18.76 -36.17
CA ASP C 54 -5.01 -18.51 -36.48
C ASP C 54 -5.86 -18.29 -35.27
N GLU C 55 -5.56 -19.03 -34.23
CA GLU C 55 -6.28 -18.79 -32.99
C GLU C 55 -5.86 -17.47 -32.35
N ILE C 56 -4.57 -17.10 -32.44
CA ILE C 56 -4.14 -15.80 -31.95
C ILE C 56 -4.79 -14.68 -32.76
N THR C 57 -4.88 -14.85 -34.08
CA THR C 57 -5.53 -13.84 -34.90
C THR C 57 -7.00 -13.73 -34.54
N ARG C 58 -7.65 -14.86 -34.29
CA ARG C 58 -9.05 -14.81 -33.89
C ARG C 58 -9.21 -14.02 -32.59
N ILE C 59 -8.36 -14.30 -31.60
CA ILE C 59 -8.44 -13.59 -30.32
C ILE C 59 -8.21 -12.10 -30.53
N ALA C 60 -7.17 -11.75 -31.27
CA ALA C 60 -6.86 -10.34 -31.51
C ALA C 60 -8.01 -9.63 -32.23
N ASN C 61 -8.73 -10.33 -33.11
CA ASN C 61 -9.82 -9.65 -33.78
C ASN C 61 -11.03 -9.49 -32.87
N ALA C 62 -11.16 -10.39 -31.89
CA ALA C 62 -12.26 -10.32 -30.95
C ALA C 62 -12.03 -9.28 -29.85
N GLU C 63 -10.76 -8.94 -29.58
CA GLU C 63 -10.38 -7.94 -28.59
C GLU C 63 -11.04 -8.11 -27.22
N PRO C 64 -10.97 -9.31 -26.62
CA PRO C 64 -11.69 -9.53 -25.35
C PRO C 64 -11.12 -8.77 -24.16
N GLY C 65 -9.83 -8.51 -24.13
CA GLY C 65 -9.29 -7.71 -23.04
C GLY C 65 -9.88 -6.30 -23.06
N ARG C 66 -10.06 -5.76 -24.25
CA ARG C 66 -10.68 -4.46 -24.43
C ARG C 66 -12.13 -4.48 -23.94
N TRP C 67 -12.91 -5.49 -24.35
CA TRP C 67 -14.31 -5.55 -23.95
C TRP C 67 -14.46 -5.74 -22.45
N LEU C 68 -13.58 -6.55 -21.85
CA LEU C 68 -13.58 -6.72 -20.40
C LEU C 68 -13.33 -5.39 -19.71
N ALA C 69 -12.35 -4.60 -20.21
CA ALA C 69 -12.08 -3.28 -19.61
C ALA C 69 -13.29 -2.36 -19.75
N ILE C 70 -13.96 -2.39 -20.91
CA ILE C 70 -15.16 -1.58 -21.11
C ILE C 70 -16.22 -1.94 -20.08
N GLY C 71 -16.44 -3.26 -19.89
CA GLY C 71 -17.44 -3.69 -18.93
C GLY C 71 -17.12 -3.26 -17.51
N LYS C 72 -15.84 -3.35 -17.13
CA LYS C 72 -15.43 -2.89 -15.80
C LYS C 72 -15.78 -1.43 -15.58
N THR C 73 -15.43 -0.57 -16.55
CA THR C 73 -15.73 0.86 -16.39
C THR C 73 -17.24 1.10 -16.27
N ASP C 74 -18.04 0.41 -17.10
CA ASP C 74 -19.50 0.58 -17.03
C ASP C 74 -20.09 0.13 -15.70
N ILE C 75 -19.60 -1.00 -15.15
CA ILE C 75 -20.07 -1.43 -13.82
C ILE C 75 -19.73 -0.39 -12.76
N GLN C 76 -18.50 0.12 -12.78
CA GLN C 76 -18.07 1.03 -11.73
C GLN C 76 -18.83 2.35 -11.79
N THR C 77 -19.01 2.91 -12.99
CA THR C 77 -19.77 4.16 -13.12
C THR C 77 -21.25 3.93 -12.85
N GLY C 78 -21.78 2.73 -13.16
CA GLY C 78 -23.15 2.42 -12.75
C GLY C 78 -23.31 2.41 -11.25
N MET C 79 -22.36 1.79 -10.56
CA MET C 79 -22.37 1.77 -9.10
C MET C 79 -22.36 3.20 -8.55
N MET C 80 -21.51 4.04 -9.13
CA MET C 80 -21.44 5.44 -8.70
C MET C 80 -22.77 6.14 -8.90
N ALA C 81 -23.46 5.87 -10.01
CA ALA C 81 -24.75 6.53 -10.20
C ALA C 81 -25.81 6.02 -9.21
N ILE C 82 -25.82 4.72 -8.92
CA ILE C 82 -26.79 4.19 -7.95
C ILE C 82 -26.53 4.79 -6.56
N ILE C 83 -25.27 4.91 -6.19
CA ILE C 83 -24.91 5.52 -4.91
C ILE C 83 -25.30 6.99 -4.89
N ARG C 84 -25.14 7.70 -6.02
CA ARG C 84 -25.60 9.09 -6.01
C ARG C 84 -27.12 9.17 -5.85
N ALA C 85 -27.85 8.23 -6.43
CA ALA C 85 -29.31 8.21 -6.25
C ALA C 85 -29.69 8.00 -4.80
N ILE C 86 -28.90 7.23 -4.04
CA ILE C 86 -29.18 7.07 -2.61
C ILE C 86 -28.71 8.28 -1.80
N ALA C 87 -27.48 8.74 -2.01
CA ALA C 87 -26.90 9.78 -1.15
C ALA C 87 -27.46 11.16 -1.46
N GLN C 88 -27.77 11.42 -2.73
CA GLN C 88 -28.46 12.65 -3.12
C GLN C 88 -27.71 13.91 -2.65
N PRO C 89 -26.50 14.15 -3.12
CA PRO C 89 -25.83 15.41 -2.77
C PRO C 89 -26.60 16.59 -3.35
N ASP C 90 -26.53 17.71 -2.63
CA ASP C 90 -27.24 18.92 -2.98
C ASP C 90 -26.46 19.81 -3.94
N SER C 91 -25.80 19.26 -4.94
CA SER C 91 -25.05 20.05 -5.91
C SER C 91 -25.26 19.47 -7.30
N PHE C 92 -24.96 20.29 -8.31
CA PHE C 92 -25.03 19.91 -9.70
C PHE C 92 -24.15 18.69 -10.03
N ASN D 2 -18.36 10.80 12.53
CA ASN D 2 -17.83 10.81 11.16
C ASN D 2 -18.58 9.79 10.33
N GLN D 3 -19.52 10.23 9.51
CA GLN D 3 -20.35 9.28 8.77
C GLN D 3 -19.64 8.52 7.66
N HIS D 4 -18.64 9.14 7.07
CA HIS D 4 -18.00 8.47 5.98
C HIS D 4 -17.20 7.25 6.31
N LYS D 5 -16.70 7.12 7.53
CA LYS D 5 -16.02 5.91 7.95
C LYS D 5 -16.96 4.72 7.90
N LYS D 6 -18.26 4.95 8.05
CA LYS D 6 -19.25 3.88 7.91
C LYS D 6 -19.45 3.38 6.49
N ILE D 7 -19.01 4.15 5.52
CA ILE D 7 -19.12 3.75 4.13
C ILE D 7 -17.83 3.12 3.64
N LYS D 8 -17.94 1.95 3.04
CA LYS D 8 -16.76 1.24 2.59
C LYS D 8 -15.88 1.91 1.56
N GLY D 9 -14.57 1.87 1.78
CA GLY D 9 -13.63 2.52 0.89
C GLY D 9 -13.31 3.95 1.26
N TYR D 10 -13.87 4.44 2.34
CA TYR D 10 -13.66 5.82 2.79
C TYR D 10 -12.28 6.19 3.07
N ARG D 11 -11.92 7.38 2.68
CA ARG D 11 -10.62 7.88 3.05
C ARG D 11 -10.76 9.17 3.77
N ASP D 12 -9.94 9.38 4.78
CA ASP D 12 -9.92 10.65 5.42
C ASP D 12 -9.26 11.50 4.41
N LEU D 13 -9.73 12.71 4.24
CA LEU D 13 -9.20 13.53 3.20
C LEU D 13 -8.54 14.80 3.68
N SER D 14 -7.49 15.20 3.00
CA SER D 14 -6.79 16.42 3.32
C SER D 14 -7.49 17.63 2.78
N GLN D 15 -7.12 18.80 3.27
CA GLN D 15 -7.78 20.02 2.84
C GLN D 15 -7.49 20.35 1.42
N GLU D 16 -6.29 20.05 0.97
CA GLU D 16 -5.94 20.30 -0.41
C GLU D 16 -6.82 19.47 -1.31
N GLU D 17 -7.07 18.24 -0.94
CA GLU D 17 -7.97 17.41 -1.70
C GLU D 17 -9.39 17.95 -1.67
N ILE D 18 -9.91 18.27 -0.49
CA ILE D 18 -11.25 18.83 -0.34
C ILE D 18 -11.38 20.09 -1.17
N ASP D 19 -10.31 20.90 -1.20
CA ASP D 19 -10.31 22.10 -2.01
C ASP D 19 -10.41 21.78 -3.50
N MET D 20 -9.65 20.79 -3.98
CA MET D 20 -9.75 20.43 -5.40
C MET D 20 -11.14 19.89 -5.75
N MET D 21 -11.73 19.07 -4.86
CA MET D 21 -13.10 18.59 -5.08
C MET D 21 -14.08 19.75 -5.15
N ASN D 22 -13.95 20.74 -4.25
CA ASN D 22 -14.84 21.88 -4.29
C ASN D 22 -14.61 22.73 -5.53
N ARG D 23 -13.37 22.77 -6.02
CA ARG D 23 -13.09 23.45 -7.29
C ARG D 23 -13.88 22.79 -8.43
N VAL D 24 -13.86 21.46 -8.47
CA VAL D 24 -14.63 20.74 -9.49
C VAL D 24 -16.10 21.13 -9.39
N LYS D 25 -16.64 21.10 -8.18
CA LYS D 25 -18.04 21.43 -7.97
C LYS D 25 -18.37 22.86 -8.35
N GLU D 26 -17.41 23.78 -8.21
CA GLU D 26 -17.76 25.17 -8.52
C GLU D 26 -17.75 25.42 -10.03
N LEU D 27 -16.78 24.83 -10.73
CA LEU D 27 -16.81 24.88 -12.19
C LEU D 27 -18.05 24.20 -12.75
N GLY D 28 -18.48 23.11 -12.10
CA GLY D 28 -19.72 22.47 -12.50
C GLY D 28 -20.92 23.38 -12.34
N SER D 29 -20.97 24.14 -11.24
CA SER D 29 -22.06 25.09 -11.07
C SER D 29 -22.06 26.12 -12.21
N GLN D 30 -20.87 26.48 -12.71
CA GLN D 30 -20.81 27.36 -13.89
C GLN D 30 -21.43 26.69 -15.12
N PHE D 31 -21.16 25.40 -15.30
CA PHE D 31 -21.78 24.66 -16.41
C PHE D 31 -23.29 24.57 -16.23
N GLU D 32 -23.74 24.45 -14.99
CA GLU D 32 -25.17 24.39 -14.72
C GLU D 32 -25.86 25.69 -15.14
N LYS D 33 -25.22 26.82 -14.85
CA LYS D 33 -25.78 28.08 -15.30
C LYS D 33 -25.82 28.14 -16.83
N LEU D 34 -24.82 27.67 -17.53
CA LEU D 34 -24.84 27.68 -18.97
C LEU D 34 -25.92 26.78 -19.60
N ILE D 35 -26.14 25.61 -19.03
CA ILE D 35 -27.14 24.68 -19.53
C ILE D 35 -28.51 25.32 -19.42
N GLN D 36 -28.73 26.03 -18.33
CA GLN D 36 -29.97 26.73 -18.14
C GLN D 36 -30.20 27.80 -19.22
N ASP D 37 -29.17 28.52 -19.55
CA ASP D 37 -29.27 29.52 -20.60
C ASP D 37 -29.55 28.93 -21.95
N VAL D 38 -28.96 27.78 -22.28
CA VAL D 38 -29.27 27.12 -23.52
C VAL D 38 -30.71 26.67 -23.53
N SER D 39 -31.17 26.14 -22.41
CA SER D 39 -32.54 25.70 -22.33
C SER D 39 -33.49 26.86 -22.53
N ASP D 40 -33.17 28.00 -21.96
CA ASP D 40 -33.98 29.17 -22.15
C ASP D 40 -33.99 29.57 -23.61
N HIS D 41 -32.84 29.48 -24.26
CA HIS D 41 -32.76 29.79 -25.64
C HIS D 41 -33.60 28.86 -26.45
N LEU D 42 -33.56 27.57 -26.12
CA LEU D 42 -34.36 26.62 -26.81
C LEU D 42 -35.83 26.84 -26.63
N ARG D 43 -36.24 27.16 -25.43
CA ARG D 43 -37.65 27.38 -25.18
C ARG D 43 -38.14 28.57 -25.99
N GLY D 44 -37.37 29.64 -26.04
CA GLY D 44 -37.69 30.79 -26.86
C GLY D 44 -37.72 30.52 -28.33
N GLN D 45 -36.77 29.73 -28.80
CA GLN D 45 -36.73 29.36 -30.19
C GLN D 45 -37.96 28.58 -30.59
N TYR D 46 -38.39 27.66 -29.74
CA TYR D 46 -39.57 26.87 -30.04
C TYR D 46 -40.81 27.73 -30.12
N ASN D 47 -40.93 28.66 -29.19
CA ASN D 47 -42.08 29.50 -29.16
C ASN D 47 -42.20 30.39 -30.38
N ALA D 48 -41.10 30.95 -30.82
CA ALA D 48 -41.09 31.78 -32.02
C ALA D 48 -41.43 30.99 -33.25
N SER D 49 -40.96 29.77 -33.30
CA SER D 49 -41.16 28.94 -34.45
C SER D 49 -42.49 28.27 -34.55
N LEU D 50 -43.29 28.35 -33.50
CA LEU D 50 -44.59 27.75 -33.53
C LEU D 50 -45.32 28.43 -34.63
N HIS D 51 -46.06 27.66 -35.42
CA HIS D 51 -46.78 28.17 -36.60
C HIS D 51 -45.95 28.26 -37.88
N ASN D 52 -44.65 27.98 -37.82
CA ASN D 52 -43.83 27.87 -39.03
C ASN D 52 -43.55 26.41 -39.07
N ARG D 53 -44.27 25.69 -39.88
CA ARG D 53 -44.15 24.26 -39.88
C ARG D 53 -42.74 23.83 -40.24
N ASP D 54 -42.11 24.54 -41.16
CA ASP D 54 -40.75 24.25 -41.55
C ASP D 54 -39.73 24.35 -40.41
N GLU D 55 -39.79 25.39 -39.60
CA GLU D 55 -38.91 25.52 -38.45
C GLU D 55 -39.19 24.51 -37.34
N ILE D 56 -40.47 24.21 -37.12
CA ILE D 56 -40.83 23.22 -36.12
C ILE D 56 -40.26 21.89 -36.53
N THR D 57 -40.39 21.56 -37.80
CA THR D 57 -39.86 20.31 -38.30
C THR D 57 -38.36 20.29 -38.18
N ARG D 58 -37.71 21.39 -38.48
CA ARG D 58 -36.27 21.47 -38.33
C ARG D 58 -35.88 21.28 -36.87
N ILE D 59 -36.56 21.96 -35.98
CA ILE D 59 -36.24 21.85 -34.56
C ILE D 59 -36.45 20.41 -34.11
N ALA D 60 -37.58 19.81 -34.47
CA ALA D 60 -37.84 18.43 -34.10
C ALA D 60 -36.79 17.47 -34.66
N ASN D 61 -36.31 17.71 -35.88
CA ASN D 61 -35.31 16.79 -36.41
C ASN D 61 -33.94 17.01 -35.79
N ALA D 62 -33.65 18.21 -35.32
CA ALA D 62 -32.36 18.45 -34.70
C ALA D 62 -32.27 17.92 -33.27
N GLU D 63 -33.40 17.79 -32.57
CA GLU D 63 -33.46 17.31 -31.19
C GLU D 63 -32.52 18.04 -30.23
N PRO D 64 -32.59 19.38 -30.16
CA PRO D 64 -31.66 20.08 -29.26
C PRO D 64 -31.93 19.86 -27.77
N GLY D 65 -33.19 19.67 -27.35
CA GLY D 65 -33.42 19.34 -25.95
C GLY D 65 -32.78 18.01 -25.57
N ARG D 66 -32.85 17.02 -26.47
CA ARG D 66 -32.20 15.74 -26.22
C ARG D 66 -30.68 15.90 -26.12
N TRP D 67 -30.07 16.66 -27.04
CA TRP D 67 -28.61 16.85 -27.01
C TRP D 67 -28.16 17.62 -25.76
N LEU D 68 -28.94 18.62 -25.37
CA LEU D 68 -28.61 19.36 -24.16
C LEU D 68 -28.63 18.43 -22.95
N ALA D 69 -29.63 17.54 -22.89
CA ALA D 69 -29.72 16.58 -21.78
C ALA D 69 -28.52 15.64 -21.77
N ILE D 70 -28.14 15.14 -22.96
CA ILE D 70 -26.97 14.26 -23.07
C ILE D 70 -25.73 14.95 -22.54
N GLY D 71 -25.53 16.20 -22.94
CA GLY D 71 -24.37 16.96 -22.49
C GLY D 71 -24.37 17.20 -21.00
N LYS D 72 -25.53 17.54 -20.44
CA LYS D 72 -25.62 17.69 -18.99
C LYS D 72 -25.15 16.41 -18.29
N THR D 73 -25.64 15.24 -18.76
CA THR D 73 -25.28 13.98 -18.09
C THR D 73 -23.78 13.71 -18.16
N ASP D 74 -23.17 13.93 -19.33
CA ASP D 74 -21.72 13.74 -19.47
C ASP D 74 -20.95 14.69 -18.59
N ILE D 75 -21.38 15.96 -18.50
CA ILE D 75 -20.67 16.90 -17.64
C ILE D 75 -20.70 16.41 -16.19
N GLN D 76 -21.88 15.99 -15.73
CA GLN D 76 -21.99 15.60 -14.32
C GLN D 76 -21.17 14.34 -14.01
N THR D 77 -21.21 13.34 -14.90
CA THR D 77 -20.43 12.11 -14.65
C THR D 77 -18.95 12.35 -14.80
N GLY D 78 -18.57 13.28 -15.70
CA GLY D 78 -17.17 13.68 -15.78
C GLY D 78 -16.69 14.31 -14.49
N MET D 79 -17.51 15.20 -13.91
CA MET D 79 -17.18 15.74 -12.60
C MET D 79 -17.02 14.63 -11.57
N MET D 80 -17.94 13.66 -11.58
CA MET D 80 -17.86 12.56 -10.63
C MET D 80 -16.54 11.80 -10.78
N ALA D 81 -16.10 11.59 -12.02
CA ALA D 81 -14.87 10.83 -12.25
C ALA D 81 -13.64 11.61 -11.77
N ILE D 82 -13.61 12.93 -12.02
CA ILE D 82 -12.47 13.74 -11.56
C ILE D 82 -12.41 13.77 -10.03
N ILE D 83 -13.57 13.90 -9.39
CA ILE D 83 -13.61 13.88 -7.94
C ILE D 83 -13.13 12.55 -7.40
N ARG D 84 -13.49 11.44 -8.06
CA ARG D 84 -12.97 10.12 -7.65
C ARG D 84 -11.47 10.03 -7.86
N ALA D 85 -10.95 10.68 -8.90
CA ALA D 85 -9.51 10.72 -9.05
C ALA D 85 -8.85 11.45 -7.87
N ILE D 86 -9.52 12.48 -7.35
CA ILE D 86 -8.97 13.20 -6.21
C ILE D 86 -9.14 12.40 -4.92
N ALA D 87 -10.36 11.94 -4.65
CA ALA D 87 -10.70 11.31 -3.37
C ALA D 87 -10.13 9.91 -3.24
N GLN D 88 -10.00 9.16 -4.35
CA GLN D 88 -9.37 7.84 -4.34
C GLN D 88 -9.99 6.92 -3.28
N PRO D 89 -11.26 6.54 -3.40
CA PRO D 89 -11.81 5.54 -2.48
C PRO D 89 -11.10 4.21 -2.66
N ASP D 90 -10.95 3.47 -1.55
CA ASP D 90 -10.29 2.16 -1.53
C ASP D 90 -11.25 1.03 -1.85
N SER D 91 -12.16 1.25 -2.78
CA SER D 91 -13.13 0.25 -3.15
C SER D 91 -13.26 0.20 -4.67
N PHE D 92 -13.72 -0.94 -5.16
CA PHE D 92 -13.94 -1.15 -6.57
C PHE D 92 -14.94 -0.17 -7.20
N ASN E 2 22.54 -30.91 -4.45
CA ASN E 2 23.70 -31.00 -5.33
C ASN E 2 23.35 -30.54 -6.71
N GLN E 3 22.50 -29.52 -6.79
CA GLN E 3 22.02 -29.06 -8.09
C GLN E 3 23.14 -28.61 -8.97
N HIS E 4 24.10 -27.93 -8.38
CA HIS E 4 25.21 -27.45 -9.14
C HIS E 4 26.08 -28.51 -9.75
N LYS E 5 26.30 -29.61 -9.04
CA LYS E 5 27.03 -30.73 -9.61
C LYS E 5 26.26 -31.28 -10.79
N LYS E 6 24.93 -31.24 -10.75
CA LYS E 6 24.11 -31.67 -11.88
C LYS E 6 24.34 -30.79 -13.11
N ILE E 7 24.49 -29.48 -12.91
CA ILE E 7 24.83 -28.58 -14.03
C ILE E 7 26.24 -28.77 -14.56
N LYS E 8 26.41 -28.64 -15.87
CA LYS E 8 27.71 -28.78 -16.48
C LYS E 8 28.70 -27.67 -16.11
N GLY E 9 29.98 -28.01 -15.97
CA GLY E 9 30.99 -27.04 -15.59
C GLY E 9 31.22 -26.84 -14.12
N TYR E 10 30.53 -27.60 -13.28
CA TYR E 10 30.62 -27.42 -11.83
C TYR E 10 31.99 -27.58 -11.24
N ARG E 11 32.34 -26.73 -10.29
CA ARG E 11 33.58 -26.88 -9.61
C ARG E 11 33.33 -26.69 -8.13
N ASP E 12 33.98 -27.49 -7.31
CA ASP E 12 33.82 -27.38 -5.87
C ASP E 12 34.64 -26.21 -5.45
N LEU E 13 34.03 -25.29 -4.75
CA LEU E 13 34.73 -24.07 -4.42
C LEU E 13 35.18 -23.96 -3.00
N SER E 14 36.32 -23.35 -2.82
CA SER E 14 36.79 -23.10 -1.49
C SER E 14 36.03 -21.94 -0.89
N GLN E 15 36.24 -21.69 0.38
CA GLN E 15 35.58 -20.59 1.05
C GLN E 15 36.18 -19.29 0.62
N GLU E 16 37.46 -19.29 0.34
CA GLU E 16 38.14 -18.07 -0.04
C GLU E 16 37.56 -17.53 -1.34
N GLU E 17 37.24 -18.44 -2.23
CA GLU E 17 36.66 -18.05 -3.48
C GLU E 17 35.24 -17.57 -3.28
N ILE E 18 34.47 -18.27 -2.48
CA ILE E 18 33.10 -17.87 -2.20
C ILE E 18 33.09 -16.49 -1.58
N ASP E 19 34.05 -16.20 -0.72
CA ASP E 19 34.11 -14.88 -0.15
C ASP E 19 34.40 -13.81 -1.14
N MET E 20 35.28 -14.05 -2.09
CA MET E 20 35.54 -13.08 -3.12
C MET E 20 34.31 -12.90 -3.97
N MET E 21 33.60 -13.99 -4.18
CA MET E 21 32.37 -13.92 -4.94
C MET E 21 31.36 -13.07 -4.22
N ASN E 22 31.25 -13.27 -2.93
CA ASN E 22 30.35 -12.47 -2.16
C ASN E 22 30.77 -11.02 -2.12
N ARG E 23 32.05 -10.72 -2.14
CA ARG E 23 32.50 -9.35 -2.18
C ARG E 23 32.04 -8.64 -3.45
N VAL E 24 32.11 -9.33 -4.59
CA VAL E 24 31.63 -8.74 -5.83
C VAL E 24 30.15 -8.43 -5.74
N LYS E 25 29.40 -9.36 -5.16
CA LYS E 25 27.98 -9.15 -4.97
C LYS E 25 27.66 -8.00 -4.03
N GLU E 26 28.42 -7.84 -2.97
CA GLU E 26 28.23 -6.70 -2.08
C GLU E 26 28.47 -5.38 -2.76
N LEU E 27 29.52 -5.29 -3.56
CA LEU E 27 29.79 -4.06 -4.29
C LEU E 27 28.71 -3.75 -5.27
N GLY E 28 28.19 -4.75 -5.92
CA GLY E 28 27.07 -4.54 -6.82
C GLY E 28 25.84 -4.03 -6.11
N SER E 29 25.60 -4.51 -4.90
CA SER E 29 24.47 -4.05 -4.14
C SER E 29 24.63 -2.58 -3.86
N GLN E 30 25.83 -2.13 -3.60
CA GLN E 30 26.07 -0.72 -3.41
C GLN E 30 25.81 0.04 -4.70
N PHE E 31 26.19 -0.54 -5.81
CA PHE E 31 25.91 0.06 -7.09
C PHE E 31 24.42 0.15 -7.38
N GLU E 32 23.67 -0.83 -6.96
CA GLU E 32 22.24 -0.80 -7.12
C GLU E 32 21.68 0.37 -6.39
N LYS E 33 22.20 0.64 -5.21
CA LYS E 33 21.76 1.78 -4.47
C LYS E 33 22.06 3.08 -5.18
N LEU E 34 23.23 3.21 -5.77
CA LEU E 34 23.51 4.39 -6.51
C LEU E 34 22.53 4.52 -7.68
N ILE E 35 22.28 3.45 -8.40
CA ILE E 35 21.40 3.51 -9.55
C ILE E 35 19.98 3.93 -9.19
N GLN E 36 19.45 3.43 -8.08
CA GLN E 36 18.14 3.82 -7.61
C GLN E 36 18.13 5.30 -7.29
N ASP E 37 19.19 5.78 -6.69
CA ASP E 37 19.27 7.18 -6.40
C ASP E 37 19.26 8.04 -7.65
N VAL E 38 19.99 7.62 -8.67
CA VAL E 38 20.00 8.35 -9.93
C VAL E 38 18.63 8.35 -10.56
N SER E 39 17.95 7.24 -10.49
CA SER E 39 16.62 7.15 -11.04
C SER E 39 15.65 8.09 -10.35
N ASP E 40 15.72 8.17 -9.04
CA ASP E 40 14.88 9.10 -8.30
C ASP E 40 15.20 10.54 -8.63
N HIS E 41 16.48 10.85 -8.79
CA HIS E 41 16.87 12.19 -9.19
C HIS E 41 16.31 12.50 -10.53
N LEU E 42 16.37 11.55 -11.44
CA LEU E 42 15.87 11.76 -12.76
C LEU E 42 14.37 11.99 -12.80
N ARG E 43 13.62 11.26 -12.00
CA ARG E 43 12.17 11.45 -11.94
C ARG E 43 11.85 12.82 -11.42
N GLY E 44 12.58 13.26 -10.42
CA GLY E 44 12.39 14.59 -9.91
C GLY E 44 12.70 15.66 -10.93
N GLN E 45 13.75 15.46 -11.70
CA GLN E 45 14.09 16.42 -12.73
C GLN E 45 12.98 16.51 -13.74
N TYR E 46 12.45 15.38 -14.16
CA TYR E 46 11.38 15.37 -15.14
C TYR E 46 10.13 16.02 -14.64
N ASN E 47 9.77 15.72 -13.41
CA ASN E 47 8.58 16.30 -12.85
C ASN E 47 8.71 17.80 -12.68
N ALA E 48 9.85 18.27 -12.25
CA ALA E 48 10.07 19.69 -12.12
C ALA E 48 10.02 20.36 -13.47
N SER E 49 10.54 19.70 -14.48
CA SER E 49 10.55 20.24 -15.82
C SER E 49 9.21 20.22 -16.54
N LEU E 50 8.22 19.56 -16.00
CA LEU E 50 6.98 19.45 -16.69
C LEU E 50 6.45 20.84 -16.95
N HIS E 51 5.95 21.07 -18.15
CA HIS E 51 5.46 22.38 -18.57
C HIS E 51 6.50 23.37 -19.02
N ASN E 52 7.77 22.98 -19.06
CA ASN E 52 8.81 23.84 -19.62
C ASN E 52 9.27 22.96 -20.74
N ARG E 53 8.84 23.24 -21.93
CA ARG E 53 9.16 22.38 -23.04
C ARG E 53 10.64 22.37 -23.31
N ASP E 54 11.30 23.48 -23.10
CA ASP E 54 12.71 23.56 -23.37
C ASP E 54 13.52 22.58 -22.54
N GLU E 55 13.20 22.44 -21.27
CA GLU E 55 13.89 21.45 -20.46
C GLU E 55 13.44 20.05 -20.78
N ILE E 56 12.19 19.87 -21.15
CA ILE E 56 11.73 18.57 -21.53
C ILE E 56 12.45 18.10 -22.78
N THR E 57 12.61 19.00 -23.73
CA THR E 57 13.30 18.67 -24.96
C THR E 57 14.73 18.33 -24.65
N ARG E 58 15.32 19.08 -23.74
CA ARG E 58 16.69 18.82 -23.37
C ARG E 58 16.84 17.48 -22.72
N ILE E 59 15.94 17.16 -21.82
CA ILE E 59 16.02 15.91 -21.11
C ILE E 59 15.87 14.78 -22.11
N ALA E 60 14.94 14.92 -23.00
CA ALA E 60 14.70 13.89 -23.95
C ALA E 60 15.88 13.64 -24.86
N ASN E 61 16.53 14.70 -25.30
CA ASN E 61 17.68 14.56 -26.15
C ASN E 61 18.88 13.91 -25.46
N ALA E 62 19.10 14.21 -24.19
CA ALA E 62 20.15 13.59 -23.43
C ALA E 62 19.95 12.11 -23.17
N GLU E 63 18.70 11.65 -23.18
CA GLU E 63 18.38 10.25 -22.90
C GLU E 63 18.95 9.73 -21.54
N PRO E 64 18.72 10.45 -20.41
CA PRO E 64 19.40 9.96 -19.20
C PRO E 64 18.85 8.65 -18.67
N GLY E 65 17.56 8.38 -18.81
CA GLY E 65 17.03 7.09 -18.34
C GLY E 65 17.62 5.91 -19.10
N ARG E 66 17.81 6.10 -20.41
CA ARG E 66 18.45 5.10 -21.26
C ARG E 66 19.91 4.89 -20.87
N TRP E 67 20.65 5.98 -20.65
CA TRP E 67 22.05 5.85 -20.28
C TRP E 67 22.20 5.15 -18.93
N LEU E 68 21.32 5.48 -17.99
CA LEU E 68 21.32 4.79 -16.71
C LEU E 68 21.08 3.30 -16.88
N ALA E 69 20.12 2.92 -17.74
CA ALA E 69 19.86 1.50 -17.98
C ALA E 69 21.07 0.80 -18.62
N ILE E 70 21.70 1.44 -19.59
CA ILE E 70 22.91 0.89 -20.19
C ILE E 70 23.95 0.66 -19.12
N GLY E 71 24.12 1.64 -18.23
CA GLY E 71 25.11 1.51 -17.17
C GLY E 71 24.79 0.37 -16.23
N LYS E 72 23.52 0.24 -15.85
CA LYS E 72 23.14 -0.87 -14.97
C LYS E 72 23.53 -2.19 -15.61
N THR E 73 23.21 -2.35 -16.90
CA THR E 73 23.50 -3.61 -17.59
C THR E 73 25.00 -3.89 -17.61
N ASP E 74 25.81 -2.85 -17.88
CA ASP E 74 27.27 -3.05 -17.90
C ASP E 74 27.79 -3.44 -16.52
N ILE E 75 27.32 -2.79 -15.46
CA ILE E 75 27.76 -3.15 -14.11
C ILE E 75 27.41 -4.61 -13.82
N GLN E 76 26.20 -5.03 -14.19
CA GLN E 76 25.80 -6.40 -13.88
C GLN E 76 26.60 -7.42 -14.69
N THR E 77 26.80 -7.18 -15.99
CA THR E 77 27.57 -8.19 -16.73
C THR E 77 29.03 -8.19 -16.30
N GLY E 78 29.56 -7.03 -15.90
CA GLY E 78 30.89 -7.01 -15.34
C GLY E 78 31.00 -7.85 -14.08
N MET E 79 30.02 -7.72 -13.19
CA MET E 79 29.99 -8.58 -12.01
C MET E 79 29.98 -10.05 -12.39
N MET E 80 29.16 -10.40 -13.40
CA MET E 80 29.10 -11.79 -13.84
C MET E 80 30.46 -12.26 -14.35
N ALA E 81 31.16 -11.40 -15.10
CA ALA E 81 32.45 -11.82 -15.65
C ALA E 81 33.49 -12.01 -14.55
N ILE E 82 33.52 -11.10 -13.56
CA ILE E 82 34.49 -11.25 -12.46
C ILE E 82 34.19 -12.51 -11.64
N ILE E 83 32.89 -12.77 -11.39
CA ILE E 83 32.50 -13.99 -10.68
C ILE E 83 32.98 -15.21 -11.46
N ARG E 84 32.85 -15.16 -12.78
CA ARG E 84 33.30 -16.29 -13.58
C ARG E 84 34.81 -16.47 -13.49
N ALA E 85 35.56 -15.38 -13.40
CA ALA E 85 37.02 -15.47 -13.24
C ALA E 85 37.38 -16.17 -11.92
N ILE E 86 36.60 -15.93 -10.86
CA ILE E 86 36.86 -16.60 -9.59
C ILE E 86 36.41 -18.07 -9.64
N ALA E 87 35.20 -18.32 -10.14
CA ALA E 87 34.58 -19.65 -10.07
C ALA E 87 35.16 -20.64 -11.06
N GLN E 88 35.58 -20.16 -12.23
CA GLN E 88 36.23 -20.95 -13.26
C GLN E 88 35.46 -22.22 -13.60
N PRO E 89 34.24 -22.13 -14.14
CA PRO E 89 33.56 -23.34 -14.62
C PRO E 89 34.33 -23.96 -15.78
N ASP E 90 34.29 -25.30 -15.84
CA ASP E 90 34.99 -26.08 -16.87
C ASP E 90 34.17 -26.21 -18.14
N SER E 91 33.46 -25.18 -18.54
CA SER E 91 32.64 -25.23 -19.73
C SER E 91 32.83 -23.95 -20.51
N PHE E 92 32.56 -24.05 -21.82
CA PHE E 92 32.61 -22.93 -22.74
C PHE E 92 31.59 -21.89 -22.28
N ASN F 2 25.98 -27.78 0.69
CA ASN F 2 25.44 -26.45 0.94
C ASN F 2 26.41 -25.33 0.65
N GLN F 3 27.39 -25.59 -0.21
CA GLN F 3 28.31 -24.52 -0.59
C GLN F 3 27.64 -23.37 -1.36
N HIS F 4 26.72 -23.70 -2.26
CA HIS F 4 26.13 -22.67 -3.07
C HIS F 4 25.20 -21.82 -2.30
N LYS F 5 24.73 -22.33 -1.18
CA LYS F 5 23.90 -21.51 -0.34
C LYS F 5 24.72 -20.33 0.15
N LYS F 6 25.99 -20.56 0.45
CA LYS F 6 26.83 -19.49 0.92
C LYS F 6 26.93 -18.32 -0.07
N ILE F 7 26.68 -18.58 -1.36
CA ILE F 7 26.69 -17.51 -2.33
C ILE F 7 25.38 -16.73 -2.37
N LYS F 8 25.45 -15.42 -2.41
CA LYS F 8 24.25 -14.58 -2.40
C LYS F 8 23.35 -14.74 -3.61
N GLY F 9 22.05 -14.75 -3.38
CA GLY F 9 21.10 -14.88 -4.47
C GLY F 9 20.85 -16.29 -4.88
N TYR F 10 21.44 -17.23 -4.18
CA TYR F 10 21.25 -18.62 -4.49
C TYR F 10 19.79 -18.95 -4.47
N ARG F 11 19.35 -19.68 -5.47
CA ARG F 11 17.97 -20.07 -5.50
C ARG F 11 17.98 -21.55 -5.72
N ASP F 12 17.13 -22.27 -5.01
CA ASP F 12 17.01 -23.69 -5.22
C ASP F 12 16.48 -23.94 -6.62
N LEU F 13 16.99 -24.95 -7.30
CA LEU F 13 16.61 -25.16 -8.68
C LEU F 13 15.89 -26.43 -9.08
N SER F 14 14.88 -26.29 -9.93
CA SER F 14 14.10 -27.41 -10.42
C SER F 14 14.84 -28.16 -11.48
N GLN F 15 14.48 -29.41 -11.68
CA GLN F 15 15.19 -30.24 -12.64
C GLN F 15 15.06 -29.72 -14.05
N GLU F 16 13.90 -29.22 -14.40
CA GLU F 16 13.70 -28.67 -15.72
C GLU F 16 14.57 -27.47 -15.96
N GLU F 17 14.74 -26.65 -14.95
CA GLU F 17 15.60 -25.51 -15.06
C GLU F 17 17.02 -25.96 -15.30
N ILE F 18 17.45 -27.03 -14.63
CA ILE F 18 18.78 -27.58 -14.87
C ILE F 18 18.90 -28.08 -16.28
N ASP F 19 17.86 -28.70 -16.75
CA ASP F 19 17.88 -29.21 -18.09
C ASP F 19 18.00 -28.14 -19.13
N MET F 20 17.28 -27.06 -18.94
CA MET F 20 17.36 -25.97 -19.86
C MET F 20 18.75 -25.36 -19.85
N MET F 21 19.34 -25.24 -18.67
CA MET F 21 20.66 -24.69 -18.56
C MET F 21 21.66 -25.57 -19.29
N ASN F 22 21.46 -26.88 -19.20
CA ASN F 22 22.34 -27.78 -19.89
C ASN F 22 22.12 -27.77 -21.40
N ARG F 23 20.93 -27.44 -21.86
CA ARG F 23 20.74 -27.28 -23.30
C ARG F 23 21.60 -26.10 -23.78
N VAL F 24 21.63 -25.05 -22.98
CA VAL F 24 22.42 -23.89 -23.34
C VAL F 24 23.87 -24.31 -23.46
N LYS F 25 24.35 -25.06 -22.48
CA LYS F 25 25.70 -25.51 -22.52
C LYS F 25 26.05 -26.44 -23.67
N GLU F 26 25.14 -27.32 -24.04
CA GLU F 26 25.37 -28.21 -25.19
C GLU F 26 25.47 -27.48 -26.51
N LEU F 27 24.63 -26.49 -26.71
CA LEU F 27 24.72 -25.70 -27.92
C LEU F 27 25.99 -24.91 -27.91
N GLY F 28 26.41 -24.51 -26.73
CA GLY F 28 27.65 -23.82 -26.61
C GLY F 28 28.82 -24.65 -27.03
N SER F 29 28.78 -25.91 -26.68
CA SER F 29 29.85 -26.80 -27.05
C SER F 29 29.93 -26.91 -28.57
N GLN F 30 28.81 -26.97 -29.25
CA GLN F 30 28.83 -27.00 -30.69
C GLN F 30 29.42 -25.73 -31.29
N PHE F 31 29.10 -24.58 -30.69
CA PHE F 31 29.68 -23.33 -31.14
C PHE F 31 31.15 -23.33 -30.94
N GLU F 32 31.60 -23.91 -29.86
CA GLU F 32 33.01 -24.02 -29.61
C GLU F 32 33.68 -24.80 -30.72
N LYS F 33 33.03 -25.86 -31.18
CA LYS F 33 33.63 -26.65 -32.25
C LYS F 33 33.70 -25.85 -33.53
N LEU F 34 32.65 -25.12 -33.85
CA LEU F 34 32.70 -24.28 -35.02
C LEU F 34 33.83 -23.28 -34.91
N ILE F 35 34.00 -22.67 -33.75
CA ILE F 35 35.01 -21.66 -33.62
C ILE F 35 36.39 -22.25 -33.83
N GLN F 36 36.64 -23.42 -33.29
CA GLN F 36 37.89 -24.10 -33.51
C GLN F 36 38.09 -24.34 -34.99
N ASP F 37 37.03 -24.76 -35.66
CA ASP F 37 37.11 -24.99 -37.10
C ASP F 37 37.39 -23.74 -37.92
N VAL F 38 36.76 -22.63 -37.58
CA VAL F 38 37.02 -21.38 -38.26
C VAL F 38 38.46 -20.97 -38.00
N SER F 39 38.94 -21.16 -36.79
CA SER F 39 40.31 -20.82 -36.47
C SER F 39 41.25 -21.62 -37.33
N ASP F 40 40.94 -22.89 -37.51
CA ASP F 40 41.77 -23.76 -38.33
C ASP F 40 41.76 -23.31 -39.77
N HIS F 41 40.60 -22.92 -40.25
CA HIS F 41 40.50 -22.46 -41.60
C HIS F 41 41.33 -21.24 -41.80
N LEU F 42 41.32 -20.33 -40.84
CA LEU F 42 42.10 -19.12 -40.91
C LEU F 42 43.58 -19.34 -40.87
N ARG F 43 44.02 -20.28 -40.05
CA ARG F 43 45.42 -20.59 -39.96
C ARG F 43 45.87 -21.16 -41.28
N GLY F 44 45.06 -22.02 -41.87
CA GLY F 44 45.35 -22.57 -43.17
C GLY F 44 45.35 -21.54 -44.26
N GLN F 45 44.43 -20.59 -44.17
CA GLN F 45 44.38 -19.52 -45.14
C GLN F 45 45.62 -18.67 -45.08
N TYR F 46 46.11 -18.41 -43.90
CA TYR F 46 47.29 -17.60 -43.74
C TYR F 46 48.52 -18.30 -44.26
N ASN F 47 48.68 -19.56 -43.90
CA ASN F 47 49.87 -20.23 -44.32
C ASN F 47 49.90 -20.47 -45.80
N ALA F 48 48.76 -20.76 -46.38
CA ALA F 48 48.68 -20.94 -47.81
C ALA F 48 48.96 -19.66 -48.57
N SER F 49 48.69 -18.53 -47.95
CA SER F 49 48.85 -17.27 -48.62
C SER F 49 50.19 -16.70 -48.36
N LEU F 50 51.05 -17.46 -47.71
CA LEU F 50 52.35 -16.97 -47.36
C LEU F 50 53.15 -16.54 -48.58
N HIS F 51 53.85 -15.41 -48.45
CA HIS F 51 54.64 -14.88 -49.55
C HIS F 51 53.84 -14.27 -50.64
N ASN F 52 52.54 -14.06 -50.45
CA ASN F 52 51.76 -13.32 -51.43
C ASN F 52 51.43 -12.11 -50.65
N ARG F 53 52.08 -11.02 -50.96
CA ARG F 53 51.91 -9.83 -50.19
C ARG F 53 50.51 -9.31 -50.21
N ASP F 54 49.87 -9.33 -51.37
CA ASP F 54 48.52 -8.80 -51.47
C ASP F 54 47.52 -9.54 -50.66
N GLU F 55 47.57 -10.85 -50.69
CA GLU F 55 46.64 -11.63 -49.95
C GLU F 55 46.91 -11.54 -48.47
N ILE F 56 48.17 -11.50 -48.08
CA ILE F 56 48.48 -11.33 -46.67
C ILE F 56 47.97 -9.98 -46.19
N THR F 57 48.10 -8.95 -47.01
CA THR F 57 47.58 -7.63 -46.66
C THR F 57 46.09 -7.68 -46.56
N ARG F 58 45.47 -8.40 -47.47
CA ARG F 58 44.03 -8.53 -47.42
C ARG F 58 43.61 -9.16 -46.10
N ILE F 59 44.25 -10.27 -45.73
CA ILE F 59 43.88 -10.92 -44.48
C ILE F 59 44.12 -9.97 -43.31
N ALA F 60 45.29 -9.31 -43.30
CA ALA F 60 45.60 -8.40 -42.20
C ALA F 60 44.59 -7.26 -42.11
N ASN F 61 44.09 -6.79 -43.25
CA ASN F 61 43.11 -5.71 -43.23
C ASN F 61 41.72 -6.19 -42.81
N ALA F 62 41.39 -7.44 -43.10
CA ALA F 62 40.09 -7.94 -42.68
C ALA F 62 40.09 -8.35 -41.21
N GLU F 63 41.25 -8.61 -40.62
CA GLU F 63 41.39 -8.99 -39.21
C GLU F 63 40.43 -10.11 -38.79
N PRO F 64 40.46 -11.26 -39.49
CA PRO F 64 39.48 -12.31 -39.16
C PRO F 64 39.68 -12.96 -37.80
N GLY F 65 40.93 -13.02 -37.31
CA GLY F 65 41.14 -13.59 -35.98
C GLY F 65 40.51 -12.73 -34.89
N ARG F 66 40.59 -11.42 -35.05
CA ARG F 66 39.96 -10.50 -34.11
C ARG F 66 38.45 -10.67 -34.11
N TRP F 67 37.85 -10.74 -35.30
CA TRP F 67 36.41 -10.90 -35.38
C TRP F 67 35.97 -12.24 -34.79
N LEU F 68 36.76 -13.29 -35.04
CA LEU F 68 36.46 -14.59 -34.44
C LEU F 68 36.45 -14.51 -32.93
N ALA F 69 37.47 -13.87 -32.34
CA ALA F 69 37.53 -13.76 -30.89
C ALA F 69 36.34 -12.96 -30.34
N ILE F 70 35.98 -11.87 -31.03
CA ILE F 70 34.80 -11.09 -30.64
C ILE F 70 33.56 -11.98 -30.63
N GLY F 71 33.40 -12.78 -31.69
CA GLY F 71 32.24 -13.65 -31.76
C GLY F 71 32.22 -14.67 -30.64
N LYS F 72 33.38 -15.22 -30.31
CA LYS F 72 33.47 -16.17 -29.20
C LYS F 72 32.97 -15.53 -27.92
N THR F 73 33.46 -14.31 -27.62
CA THR F 73 33.07 -13.66 -26.38
C THR F 73 31.57 -13.38 -26.37
N ASP F 74 31.01 -12.96 -27.51
CA ASP F 74 29.58 -12.65 -27.57
C ASP F 74 28.74 -13.92 -27.34
N ILE F 75 29.13 -15.04 -27.94
CA ILE F 75 28.40 -16.29 -27.71
C ILE F 75 28.43 -16.68 -26.24
N GLN F 76 29.60 -16.56 -25.62
CA GLN F 76 29.72 -17.00 -24.23
C GLN F 76 28.91 -16.10 -23.30
N THR F 77 28.97 -14.78 -23.50
CA THR F 77 28.22 -13.91 -22.62
C THR F 77 26.72 -14.04 -22.87
N GLY F 78 26.32 -14.32 -24.11
CA GLY F 78 24.92 -14.61 -24.38
C GLY F 78 24.45 -15.84 -23.65
N MET F 79 25.28 -16.89 -23.66
CA MET F 79 24.95 -18.08 -22.89
C MET F 79 24.77 -17.76 -21.41
N MET F 80 25.69 -16.97 -20.85
CA MET F 80 25.56 -16.60 -19.46
C MET F 80 24.25 -15.85 -19.20
N ALA F 81 23.84 -14.99 -20.13
CA ALA F 81 22.60 -14.25 -19.89
C ALA F 81 21.38 -15.17 -19.96
N ILE F 82 21.34 -16.08 -20.92
CA ILE F 82 20.18 -16.98 -21.01
C ILE F 82 20.11 -17.87 -19.78
N ILE F 83 21.26 -18.37 -19.32
CA ILE F 83 21.30 -19.18 -18.12
C ILE F 83 20.81 -18.38 -16.92
N ARG F 84 21.19 -17.09 -16.85
CA ARG F 84 20.66 -16.29 -15.75
C ARG F 84 19.14 -16.14 -15.87
N ALA F 85 18.63 -16.02 -17.10
CA ALA F 85 17.18 -15.93 -17.28
C ALA F 85 16.49 -17.20 -16.74
N ILE F 86 17.15 -18.35 -16.88
CA ILE F 86 16.56 -19.58 -16.34
C ILE F 86 16.70 -19.66 -14.82
N ALA F 87 17.89 -19.36 -14.30
CA ALA F 87 18.17 -19.58 -12.89
C ALA F 87 17.63 -18.49 -11.98
N GLN F 88 17.62 -17.24 -12.44
CA GLN F 88 17.04 -16.12 -11.69
C GLN F 88 17.56 -15.97 -10.26
N PRO F 89 18.84 -15.64 -10.07
CA PRO F 89 19.35 -15.34 -8.72
C PRO F 89 18.65 -14.12 -8.12
N ASP F 90 18.55 -14.14 -6.79
CA ASP F 90 17.88 -13.10 -6.00
C ASP F 90 18.78 -11.91 -5.67
N SER F 91 19.66 -11.52 -6.58
CA SER F 91 20.61 -10.44 -6.32
C SER F 91 20.81 -9.56 -7.56
N PHE F 92 21.34 -8.38 -7.32
CA PHE F 92 21.62 -7.45 -8.39
C PHE F 92 22.61 -8.02 -9.41
#